data_4N59
#
_entry.id   4N59
#
_cell.length_a   44.649
_cell.length_b   116.745
_cell.length_c   60.790
_cell.angle_alpha   90.00
_cell.angle_beta   94.96
_cell.angle_gamma   90.00
#
_symmetry.space_group_name_H-M   'P 1 21 1'
#
loop_
_entity.id
_entity.type
_entity.pdbx_description
1 polymer 'Pectocin M2'
2 non-polymer 'FE2/S2 (INORGANIC) CLUSTER'
3 non-polymer 'SULFATE ION'
4 non-polymer 'CHLORIDE ION'
5 water water
#
_entity_poly.entity_id   1
_entity_poly.type   'polypeptide(L)'
_entity_poly.pdbx_seq_one_letter_code
;MATYKVKDVTTGAEIEVPDDKYILDEFEKQGVNLPYSCRAGACSSCVALISSGEVDQSDGSFLSEKQEKKYILTCCSYPK
SDCTIETGYEDKILEDFEIELAETGLEFFNDLKDSLPRSGEILSGVTAPFEAFDHYLFGNGVERSININDVGFNINVSQI
PPIMSLLNGKNVGRFDIGSDFVRNTALDGYSVAAYLGNITMRTEGVLNVKSDGTWQYEGVIRSYNDTYDANPSTHRGALG
EWATGVLNNLSGTPYEIRIPGELKIKENGKKLEHHHHHH
;
_entity_poly.pdbx_strand_id   A,B
#
loop_
_chem_comp.id
_chem_comp.type
_chem_comp.name
_chem_comp.formula
CL non-polymer 'CHLORIDE ION' 'Cl -1'
FES non-polymer 'FE2/S2 (INORGANIC) CLUSTER' 'Fe2 S2'
SO4 non-polymer 'SULFATE ION' 'O4 S -2'
#
# COMPACT_ATOMS: atom_id res chain seq x y z
N ALA A 2 21.14 -7.70 -43.60
CA ALA A 2 21.63 -8.76 -42.67
C ALA A 2 20.50 -9.23 -41.75
N THR A 3 20.79 -10.27 -40.98
CA THR A 3 19.82 -10.81 -40.06
C THR A 3 20.59 -11.35 -38.86
N TYR A 4 20.49 -10.62 -37.74
CA TYR A 4 21.25 -10.97 -36.53
C TYR A 4 20.33 -11.68 -35.53
N LYS A 5 20.91 -12.60 -34.74
CA LYS A 5 20.16 -13.36 -33.73
C LYS A 5 20.03 -12.53 -32.44
N VAL A 6 18.77 -12.35 -32.04
CA VAL A 6 18.39 -11.59 -30.85
C VAL A 6 17.79 -12.56 -29.86
N LYS A 7 18.51 -12.86 -28.78
CA LYS A 7 18.02 -13.74 -27.72
C LYS A 7 17.36 -12.98 -26.58
N ASP A 8 16.25 -13.54 -26.08
CA ASP A 8 15.52 -12.98 -24.96
C ASP A 8 15.63 -13.86 -23.70
N VAL A 9 16.33 -13.38 -22.68
CA VAL A 9 16.43 -14.06 -21.37
C VAL A 9 15.04 -14.43 -20.83
N THR A 10 14.08 -13.51 -20.98
CA THR A 10 12.77 -13.66 -20.38
C THR A 10 11.97 -14.84 -20.94
N THR A 11 11.60 -14.80 -22.22
CA THR A 11 10.80 -15.87 -22.84
C THR A 11 11.66 -17.07 -23.22
N GLY A 12 12.98 -16.88 -23.21
CA GLY A 12 13.93 -17.91 -23.63
C GLY A 12 14.14 -17.92 -25.13
N ALA A 13 13.30 -17.20 -25.86
CA ALA A 13 13.29 -17.28 -27.31
C ALA A 13 14.57 -16.73 -27.94
N GLU A 14 14.79 -17.09 -29.19
CA GLU A 14 15.97 -16.73 -29.93
C GLU A 14 15.45 -16.55 -31.36
N ILE A 15 15.20 -15.31 -31.74
CA ILE A 15 14.63 -15.00 -33.05
C ILE A 15 15.73 -14.46 -33.94
N GLU A 16 15.67 -14.84 -35.23
CA GLU A 16 16.46 -14.21 -36.28
C GLU A 16 15.67 -13.00 -36.73
N VAL A 17 16.26 -11.82 -36.59
CA VAL A 17 15.56 -10.56 -36.81
C VAL A 17 16.39 -9.76 -37.80
N PRO A 18 15.75 -9.30 -38.90
CA PRO A 18 16.53 -8.68 -39.93
C PRO A 18 16.63 -7.19 -39.71
N ASP A 19 17.79 -6.63 -40.05
CA ASP A 19 18.09 -5.23 -39.78
C ASP A 19 17.04 -4.20 -40.24
N ASP A 20 16.14 -4.59 -41.15
CA ASP A 20 15.12 -3.65 -41.62
C ASP A 20 13.80 -3.76 -40.85
N LYS A 21 13.72 -4.63 -39.84
CA LYS A 21 12.45 -4.86 -39.11
C LYS A 21 12.51 -4.66 -37.57
N TYR A 22 11.44 -4.11 -37.00
CA TYR A 22 11.35 -3.87 -35.53
C TYR A 22 11.40 -5.14 -34.69
N ILE A 23 12.05 -5.09 -33.54
CA ILE A 23 12.20 -6.29 -32.72
C ILE A 23 10.86 -6.81 -32.23
N LEU A 24 9.99 -5.92 -31.79
CA LEU A 24 8.68 -6.34 -31.34
C LEU A 24 7.95 -7.07 -32.50
N ASP A 25 7.73 -6.36 -33.60
CA ASP A 25 6.91 -6.88 -34.69
C ASP A 25 7.37 -8.29 -35.08
N GLU A 26 8.68 -8.43 -35.31
CA GLU A 26 9.25 -9.70 -35.74
C GLU A 26 9.05 -10.84 -34.74
N PHE A 27 9.21 -10.52 -33.47
CA PHE A 27 8.89 -11.46 -32.39
C PHE A 27 7.43 -11.86 -32.49
N GLU A 28 6.55 -10.89 -32.66
CA GLU A 28 5.11 -11.15 -32.77
C GLU A 28 4.82 -12.05 -33.99
N LYS A 29 5.51 -11.80 -35.10
CA LYS A 29 5.37 -12.61 -36.32
C LYS A 29 5.76 -14.07 -36.12
N GLN A 30 6.89 -14.32 -35.46
CA GLN A 30 7.30 -15.69 -35.19
C GLN A 30 6.67 -16.23 -33.89
N GLY A 31 5.53 -15.66 -33.50
CA GLY A 31 4.69 -16.24 -32.45
C GLY A 31 4.93 -15.79 -31.02
N VAL A 32 5.95 -14.95 -30.79
CA VAL A 32 6.25 -14.48 -29.43
C VAL A 32 5.47 -13.23 -29.07
N ASN A 33 4.55 -13.39 -28.12
CA ASN A 33 3.82 -12.26 -27.55
C ASN A 33 4.65 -11.49 -26.51
N LEU A 34 5.02 -10.26 -26.86
CA LEU A 34 5.78 -9.37 -26.01
C LEU A 34 4.93 -8.19 -25.59
N PRO A 35 5.22 -7.58 -24.44
CA PRO A 35 4.34 -6.50 -23.98
C PRO A 35 4.49 -5.21 -24.78
N TYR A 36 3.45 -4.39 -24.75
CA TYR A 36 3.39 -3.17 -25.49
C TYR A 36 2.21 -2.32 -25.00
N SER A 37 2.16 -1.05 -25.37
CA SER A 37 0.87 -0.37 -25.40
C SER A 37 0.76 0.65 -26.53
N CYS A 38 1.49 1.75 -26.42
CA CYS A 38 1.35 2.82 -27.39
C CYS A 38 1.90 2.47 -28.77
N ARG A 39 2.87 1.56 -28.86
CA ARG A 39 3.50 1.14 -30.14
C ARG A 39 4.13 2.27 -30.97
N ALA A 40 4.37 3.41 -30.32
CA ALA A 40 4.75 4.67 -30.97
C ALA A 40 5.95 5.34 -30.29
N GLY A 41 6.78 4.56 -29.61
CA GLY A 41 8.00 5.09 -29.01
C GLY A 41 7.83 6.12 -27.90
N ALA A 42 6.64 6.20 -27.31
CA ALA A 42 6.33 7.29 -26.36
C ALA A 42 5.86 6.82 -24.98
N CYS A 43 6.21 5.60 -24.61
CA CYS A 43 5.98 5.10 -23.23
C CYS A 43 7.12 4.13 -22.92
N SER A 44 6.92 3.24 -21.95
CA SER A 44 7.92 2.23 -21.66
C SER A 44 7.33 0.80 -21.62
N SER A 45 6.13 0.59 -22.17
CA SER A 45 5.47 -0.69 -22.01
C SER A 45 6.32 -1.77 -22.64
N CYS A 46 7.03 -1.47 -23.70
CA CYS A 46 7.73 -2.50 -24.47
C CYS A 46 9.24 -2.52 -24.17
N VAL A 47 9.66 -1.85 -23.10
CA VAL A 47 11.10 -1.66 -22.84
C VAL A 47 11.77 -2.97 -22.51
N ALA A 48 13.00 -3.17 -22.98
CA ALA A 48 13.76 -4.35 -22.60
C ALA A 48 15.13 -3.88 -22.16
N LEU A 49 15.80 -4.66 -21.31
CA LEU A 49 17.19 -4.39 -21.00
C LEU A 49 17.97 -4.97 -22.16
N ILE A 50 19.00 -4.29 -22.58
CA ILE A 50 19.92 -4.90 -23.58
C ILE A 50 21.24 -5.10 -22.87
N SER A 51 21.70 -6.34 -22.83
CA SER A 51 22.94 -6.64 -22.11
C SER A 51 24.09 -6.92 -23.03
N SER A 52 23.81 -7.12 -24.31
CA SER A 52 24.87 -7.11 -25.31
C SER A 52 24.30 -6.86 -26.72
N GLY A 53 25.14 -6.31 -27.59
CA GLY A 53 24.72 -5.97 -28.95
C GLY A 53 24.25 -4.54 -28.97
N GLU A 54 23.81 -4.05 -30.13
CA GLU A 54 23.23 -2.71 -30.19
C GLU A 54 22.07 -2.63 -31.19
N VAL A 55 21.35 -1.49 -31.15
CA VAL A 55 20.15 -1.27 -31.95
C VAL A 55 20.01 0.17 -32.42
N ASP A 56 19.16 0.37 -33.41
CA ASP A 56 18.76 1.72 -33.74
C ASP A 56 17.33 1.88 -33.29
N GLN A 57 17.15 2.61 -32.20
CA GLN A 57 15.85 3.05 -31.72
C GLN A 57 15.58 4.55 -31.93
N SER A 58 16.33 5.23 -32.81
CA SER A 58 16.18 6.69 -33.01
C SER A 58 14.72 7.03 -33.31
N ASP A 59 13.99 6.05 -33.86
CA ASP A 59 12.56 6.14 -34.10
C ASP A 59 11.66 6.41 -32.89
N GLY A 60 12.18 6.14 -31.67
CA GLY A 60 11.49 6.44 -30.43
C GLY A 60 12.08 7.61 -29.66
N SER A 61 11.34 8.08 -28.65
CA SER A 61 11.65 9.35 -27.95
C SER A 61 11.51 9.32 -26.38
N PHE A 62 10.63 8.48 -25.88
CA PHE A 62 10.45 8.35 -24.44
C PHE A 62 11.70 8.15 -23.60
N LEU A 63 12.68 7.39 -24.06
CA LEU A 63 13.87 7.20 -23.26
C LEU A 63 14.85 8.35 -23.34
N SER A 64 15.33 8.74 -22.17
CA SER A 64 16.38 9.72 -22.08
CA SER A 64 16.40 9.71 -22.06
C SER A 64 17.65 9.15 -22.68
N GLU A 65 18.61 10.02 -23.02
CA GLU A 65 19.89 9.61 -23.63
C GLU A 65 20.57 8.52 -22.83
N LYS A 66 20.45 8.61 -21.53
CA LYS A 66 21.24 7.75 -20.67
C LYS A 66 20.52 6.43 -20.42
N GLN A 67 19.20 6.49 -20.28
CA GLN A 67 18.37 5.31 -20.30
C GLN A 67 18.78 4.40 -21.51
N GLU A 68 18.92 5.01 -22.69
CA GLU A 68 19.23 4.30 -23.95
C GLU A 68 20.55 3.55 -24.01
N LYS A 69 21.40 3.74 -23.03
CA LYS A 69 22.60 2.92 -22.92
C LYS A 69 22.29 1.48 -22.54
N LYS A 70 21.31 1.28 -21.68
CA LYS A 70 20.91 -0.05 -21.25
C LYS A 70 19.51 -0.43 -21.60
N TYR A 71 18.68 0.50 -22.02
CA TYR A 71 17.30 0.14 -22.30
C TYR A 71 16.95 0.39 -23.76
N ILE A 72 16.14 -0.51 -24.32
CA ILE A 72 15.61 -0.27 -25.67
C ILE A 72 14.11 -0.35 -25.66
N LEU A 73 13.50 0.38 -26.61
CA LEU A 73 12.06 0.31 -26.87
C LEU A 73 11.79 -0.67 -28.01
N THR A 74 11.24 -1.84 -27.71
CA THR A 74 11.23 -2.90 -28.70
C THR A 74 10.35 -2.54 -29.91
N CYS A 75 9.32 -1.71 -29.72
CA CYS A 75 8.40 -1.37 -30.81
C CYS A 75 8.95 -0.35 -31.80
N CYS A 76 10.20 0.04 -31.62
CA CYS A 76 10.86 1.04 -32.45
CA CYS A 76 10.84 0.96 -32.54
C CYS A 76 12.33 0.70 -32.62
N SER A 77 12.72 -0.54 -32.46
CA SER A 77 14.15 -0.90 -32.44
C SER A 77 14.55 -1.85 -33.55
N TYR A 78 15.54 -1.46 -34.34
CA TYR A 78 16.17 -2.34 -35.35
C TYR A 78 17.50 -2.79 -34.81
N PRO A 79 17.78 -4.10 -34.87
CA PRO A 79 19.09 -4.52 -34.43
C PRO A 79 20.16 -4.14 -35.43
N LYS A 80 21.37 -3.95 -34.93
CA LYS A 80 22.57 -3.74 -35.75
C LYS A 80 23.60 -4.83 -35.48
N SER A 81 23.24 -5.84 -34.69
CA SER A 81 24.19 -6.85 -34.25
C SER A 81 23.47 -8.01 -33.56
N ASP A 82 24.25 -8.98 -33.09
CA ASP A 82 23.73 -10.07 -32.26
C ASP A 82 23.46 -9.54 -30.84
N CYS A 83 22.20 -9.69 -30.41
CA CYS A 83 21.70 -9.05 -29.20
C CYS A 83 21.17 -10.05 -28.20
N THR A 84 21.57 -9.89 -26.94
CA THR A 84 20.80 -10.50 -25.89
C THR A 84 20.11 -9.38 -25.12
N ILE A 85 18.83 -9.62 -24.89
CA ILE A 85 17.96 -8.67 -24.30
C ILE A 85 17.12 -9.37 -23.25
N GLU A 86 16.32 -8.58 -22.54
CA GLU A 86 15.46 -9.07 -21.50
C GLU A 86 14.17 -8.29 -21.60
N THR A 87 13.15 -8.93 -22.14
CA THR A 87 11.89 -8.25 -22.36
C THR A 87 11.14 -8.19 -21.06
N GLY A 88 10.04 -7.45 -21.07
CA GLY A 88 9.21 -7.35 -19.89
C GLY A 88 9.82 -6.50 -18.81
N TYR A 89 10.71 -5.55 -19.17
CA TYR A 89 11.47 -4.83 -18.16
C TYR A 89 10.79 -3.55 -17.61
N GLU A 90 9.59 -3.25 -18.10
CA GLU A 90 8.94 -1.99 -17.70
C GLU A 90 8.92 -1.74 -16.23
N ASP A 91 8.60 -2.76 -15.45
CA ASP A 91 8.52 -2.62 -13.98
C ASP A 91 9.86 -2.61 -13.29
N LYS A 92 10.98 -2.70 -14.01
CA LYS A 92 12.29 -2.59 -13.37
C LYS A 92 13.09 -1.43 -13.86
N ILE A 93 12.53 -0.66 -14.77
CA ILE A 93 13.29 0.37 -15.41
C ILE A 93 13.68 1.43 -14.38
N LEU A 94 14.88 2.01 -14.52
CA LEU A 94 15.35 3.15 -13.71
C LEU A 94 15.12 4.46 -14.42
N GLU A 95 14.79 5.51 -13.68
CA GLU A 95 14.59 6.86 -14.21
C GLU A 95 15.95 7.52 -14.25
N ASP A 96 16.12 8.59 -15.04
CA ASP A 96 17.44 9.25 -15.18
C ASP A 96 18.07 9.61 -13.84
N PHE A 97 17.33 10.29 -12.98
CA PHE A 97 17.83 10.72 -11.68
C PHE A 97 18.22 9.51 -10.81
N GLU A 98 17.53 8.41 -10.99
CA GLU A 98 17.89 7.14 -10.37
C GLU A 98 19.21 6.60 -10.92
N ILE A 99 19.41 6.70 -12.23
CA ILE A 99 20.62 6.18 -12.84
C ILE A 99 21.82 6.98 -12.40
N GLU A 100 21.63 8.29 -12.26
CA GLU A 100 22.73 9.18 -11.81
C GLU A 100 23.16 8.80 -10.40
N LEU A 101 22.19 8.60 -9.51
CA LEU A 101 22.49 8.18 -8.12
C LEU A 101 23.17 6.82 -8.12
N ALA A 102 22.76 5.94 -9.00
CA ALA A 102 23.33 4.60 -9.04
C ALA A 102 24.79 4.66 -9.49
N GLU A 103 25.04 5.54 -10.46
CA GLU A 103 26.35 5.63 -11.08
C GLU A 103 27.35 6.23 -10.12
N THR A 104 26.90 7.27 -9.43
CA THR A 104 27.72 7.98 -8.46
C THR A 104 27.97 7.10 -7.22
N GLY A 105 26.95 6.40 -6.78
CA GLY A 105 27.04 5.59 -5.56
C GLY A 105 27.91 4.35 -5.72
N LEU A 106 27.89 3.76 -6.90
CA LEU A 106 28.82 2.69 -7.25
C LEU A 106 30.24 3.22 -7.22
N GLU A 107 30.46 4.39 -7.82
CA GLU A 107 31.81 4.97 -7.84
C GLU A 107 32.30 5.09 -6.42
N PHE A 108 31.50 5.69 -5.54
CA PHE A 108 31.88 5.84 -4.13
C PHE A 108 32.02 4.51 -3.39
N PHE A 109 31.21 3.52 -3.74
CA PHE A 109 31.26 2.22 -3.11
C PHE A 109 32.58 1.52 -3.40
N ASN A 110 33.01 1.56 -4.65
CA ASN A 110 34.29 0.96 -5.02
C ASN A 110 35.43 1.50 -4.17
N ASP A 111 35.34 2.78 -3.80
CA ASP A 111 36.24 3.45 -2.83
C ASP A 111 36.30 2.85 -1.43
N LEU A 112 35.40 1.95 -1.07
CA LEU A 112 35.53 1.22 0.20
C LEU A 112 35.22 -0.31 0.13
N LYS A 113 35.17 -0.90 -1.07
CA LYS A 113 34.66 -2.29 -1.21
C LYS A 113 35.70 -3.40 -0.95
N ASP A 114 36.89 -3.04 -0.49
CA ASP A 114 37.87 -4.06 -0.25
C ASP A 114 37.95 -4.48 1.21
N SER A 115 37.36 -3.69 2.10
CA SER A 115 37.33 -4.03 3.51
C SER A 115 35.90 -4.07 4.10
N LEU A 116 34.95 -4.56 3.32
CA LEU A 116 33.55 -4.64 3.79
C LEU A 116 33.45 -5.74 4.83
N PRO A 117 32.81 -5.45 5.97
CA PRO A 117 32.66 -6.47 7.00
C PRO A 117 31.77 -7.68 6.58
N ARG A 118 30.78 -7.46 5.72
CA ARG A 118 29.77 -8.49 5.47
C ARG A 118 29.19 -9.09 6.72
N SER A 119 28.92 -8.23 7.70
CA SER A 119 28.18 -8.57 8.90
C SER A 119 28.06 -7.25 9.66
N GLY A 120 27.35 -7.29 10.80
CA GLY A 120 27.03 -6.11 11.60
C GLY A 120 26.33 -4.98 10.82
N GLU A 121 26.69 -3.78 11.22
CA GLU A 121 26.13 -2.55 10.74
C GLU A 121 26.46 -2.32 9.28
N ILE A 122 25.44 -1.89 8.51
CA ILE A 122 25.64 -1.41 7.19
C ILE A 122 26.01 0.03 7.31
N LEU A 123 26.93 0.49 6.48
CA LEU A 123 27.29 1.93 6.48
C LEU A 123 26.16 2.77 5.83
N SER A 124 25.72 3.81 6.53
CA SER A 124 24.59 4.63 6.04
C SER A 124 24.89 5.48 4.85
N GLY A 125 23.83 5.86 4.19
CA GLY A 125 23.91 6.92 3.22
C GLY A 125 24.02 6.39 1.83
N VAL A 126 24.81 7.10 1.05
CA VAL A 126 24.83 6.94 -0.39
C VAL A 126 25.40 5.56 -0.82
N THR A 127 26.26 4.92 -0.02
CA THR A 127 26.78 3.61 -0.42
C THR A 127 25.88 2.46 0.02
N ALA A 128 24.91 2.72 0.90
CA ALA A 128 24.12 1.63 1.48
C ALA A 128 23.50 0.68 0.45
N PRO A 129 22.97 1.21 -0.65
CA PRO A 129 22.37 0.29 -1.59
C PRO A 129 23.38 -0.64 -2.21
N PHE A 130 24.59 -0.16 -2.42
CA PHE A 130 25.61 -1.04 -2.99
C PHE A 130 26.20 -2.01 -1.95
N GLU A 131 26.31 -1.56 -0.72
CA GLU A 131 26.68 -2.43 0.32
C GLU A 131 25.60 -3.55 0.53
N ALA A 132 24.31 -3.18 0.57
CA ALA A 132 23.25 -4.16 0.86
C ALA A 132 23.20 -5.21 -0.27
N PHE A 133 23.35 -4.77 -1.51
CA PHE A 133 23.43 -5.69 -2.61
C PHE A 133 24.69 -6.62 -2.65
N ASP A 134 25.87 -6.07 -2.40
CA ASP A 134 27.06 -6.89 -2.26
C ASP A 134 26.83 -7.95 -1.23
N HIS A 135 26.19 -7.60 -0.11
CA HIS A 135 25.93 -8.61 0.96
C HIS A 135 24.95 -9.70 0.50
N TYR A 136 24.08 -9.34 -0.44
CA TYR A 136 23.12 -10.24 -0.95
C TYR A 136 23.82 -11.31 -1.71
N LEU A 137 24.75 -10.93 -2.57
CA LEU A 137 25.55 -11.90 -3.31
C LEU A 137 26.56 -12.72 -2.48
N PHE A 138 27.24 -12.05 -1.55
CA PHE A 138 28.44 -12.60 -0.89
C PHE A 138 28.32 -12.85 0.60
N GLY A 139 27.22 -12.43 1.20
CA GLY A 139 27.02 -12.49 2.66
C GLY A 139 26.50 -13.82 3.20
N ASN A 140 26.09 -14.73 2.30
CA ASN A 140 25.54 -16.06 2.72
C ASN A 140 24.52 -15.96 3.84
N GLY A 141 23.58 -15.01 3.69
CA GLY A 141 22.45 -14.86 4.60
C GLY A 141 22.70 -14.34 6.00
N VAL A 142 23.88 -13.79 6.29
CA VAL A 142 24.14 -13.27 7.62
C VAL A 142 23.30 -12.01 7.92
N GLU A 143 22.67 -11.95 9.08
CA GLU A 143 21.96 -10.78 9.50
C GLU A 143 22.86 -9.52 9.48
N ARG A 144 22.25 -8.37 9.14
CA ARG A 144 22.84 -7.06 9.16
C ARG A 144 21.92 -6.11 9.95
N SER A 145 22.40 -4.91 10.27
CA SER A 145 21.62 -3.97 11.00
C SER A 145 21.98 -2.53 10.65
N ILE A 146 21.08 -1.63 10.97
CA ILE A 146 21.34 -0.19 10.84
C ILE A 146 20.34 0.50 11.72
N ASN A 147 20.84 1.35 12.60
CA ASN A 147 19.96 2.13 13.48
C ASN A 147 18.87 2.96 12.72
N ILE A 148 17.64 2.93 13.22
CA ILE A 148 16.54 3.66 12.59
C ILE A 148 16.83 5.14 12.42
N ASN A 149 17.71 5.72 13.25
CA ASN A 149 18.12 7.15 13.15
C ASN A 149 19.22 7.42 12.15
N ASP A 150 19.91 6.37 11.72
CA ASP A 150 20.93 6.52 10.69
C ASP A 150 20.46 6.27 9.23
N VAL A 151 19.33 5.59 9.07
CA VAL A 151 18.79 5.27 7.72
C VAL A 151 18.61 6.52 6.94
N GLY A 152 18.09 7.57 7.55
CA GLY A 152 17.74 8.79 6.82
C GLY A 152 16.25 8.84 6.50
N PHE A 153 15.39 8.24 7.33
CA PHE A 153 13.94 8.40 7.07
C PHE A 153 13.52 9.86 7.13
N ASN A 154 12.57 10.24 6.30
CA ASN A 154 11.88 11.50 6.51
C ASN A 154 10.41 11.27 6.55
N ILE A 155 9.87 11.07 7.75
CA ILE A 155 8.52 10.58 7.91
C ILE A 155 7.63 11.68 8.44
N ASN A 156 6.52 11.94 7.76
CA ASN A 156 5.47 12.89 8.18
C ASN A 156 4.15 12.15 8.53
N VAL A 157 3.39 12.80 9.39
CA VAL A 157 2.04 12.39 9.76
C VAL A 157 1.18 12.12 8.52
N SER A 158 1.27 12.97 7.52
CA SER A 158 0.43 12.82 6.33
C SER A 158 0.68 11.50 5.60
N GLN A 159 1.77 10.80 5.95
CA GLN A 159 2.15 9.58 5.26
C GLN A 159 1.79 8.35 6.03
N ILE A 160 1.16 8.53 7.20
CA ILE A 160 0.89 7.42 8.10
C ILE A 160 -0.65 7.18 8.14
N PRO A 161 -1.11 6.11 7.46
CA PRO A 161 -2.55 5.87 7.38
C PRO A 161 -3.33 5.80 8.67
N PRO A 162 -2.87 5.02 9.64
CA PRO A 162 -3.69 5.00 10.88
C PRO A 162 -3.91 6.38 11.50
N ILE A 163 -3.03 7.37 11.29
CA ILE A 163 -3.25 8.67 11.86
C ILE A 163 -4.17 9.42 10.98
N MET A 164 -3.91 9.38 9.67
CA MET A 164 -4.73 10.14 8.77
C MET A 164 -6.15 9.62 8.65
N SER A 165 -6.46 8.35 8.94
CA SER A 165 -7.91 7.99 8.85
C SER A 165 -8.79 8.70 9.87
N LEU A 166 -8.19 9.14 10.98
CA LEU A 166 -8.88 9.93 12.00
C LEU A 166 -8.79 11.42 11.68
N LEU A 167 -7.66 11.86 11.20
CA LEU A 167 -7.45 13.26 10.96
C LEU A 167 -8.24 13.81 9.80
N ASN A 168 -8.53 13.00 8.81
CA ASN A 168 -9.45 13.37 7.76
C ASN A 168 -10.79 12.79 8.12
N GLY A 169 -11.58 13.54 8.84
CA GLY A 169 -12.83 13.03 9.34
C GLY A 169 -13.24 13.95 10.44
N LYS A 170 -14.53 14.14 10.59
CA LYS A 170 -15.06 14.95 11.66
C LYS A 170 -14.83 14.23 12.96
N ASN A 171 -13.59 14.21 13.41
CA ASN A 171 -13.25 13.60 14.69
C ASN A 171 -12.60 14.64 15.56
N VAL A 172 -13.06 14.75 16.79
CA VAL A 172 -12.57 15.78 17.72
C VAL A 172 -12.24 15.11 19.04
N GLY A 173 -11.13 15.50 19.64
CA GLY A 173 -10.73 14.96 20.93
C GLY A 173 -9.32 14.39 20.94
N ARG A 174 -9.08 13.50 21.89
CA ARG A 174 -7.75 12.95 22.11
C ARG A 174 -7.81 11.48 21.72
N PHE A 175 -6.90 11.06 20.84
CA PHE A 175 -6.91 9.70 20.34
C PHE A 175 -5.59 9.02 20.50
N ASP A 176 -5.58 7.88 21.14
CA ASP A 176 -4.37 7.09 21.27
C ASP A 176 -4.27 6.23 20.02
N ILE A 177 -3.11 6.23 19.39
CA ILE A 177 -2.93 5.45 18.19
C ILE A 177 -1.75 4.52 18.31
N GLY A 178 -2.00 3.25 18.03
CA GLY A 178 -0.96 2.24 18.07
C GLY A 178 -1.22 1.26 16.96
N SER A 179 -0.41 1.31 15.91
CA SER A 179 -0.68 0.49 14.78
C SER A 179 0.54 0.29 13.89
N ASP A 180 0.62 -0.89 13.31
CA ASP A 180 1.52 -1.16 12.19
C ASP A 180 1.05 -0.45 10.90
N PHE A 181 1.98 -0.01 10.07
CA PHE A 181 1.66 0.43 8.69
C PHE A 181 2.87 0.04 7.81
N VAL A 182 2.64 0.01 6.51
CA VAL A 182 3.68 -0.27 5.55
C VAL A 182 4.22 1.05 5.03
N ARG A 183 5.53 1.17 4.96
CA ARG A 183 6.19 2.35 4.44
C ARG A 183 6.87 1.95 3.13
N ASN A 184 6.43 2.53 2.04
CA ASN A 184 7.18 2.53 0.83
C ASN A 184 8.34 3.56 0.91
N THR A 185 9.56 3.06 1.14
CA THR A 185 10.68 3.92 1.39
C THR A 185 11.07 4.76 0.16
N ALA A 186 10.38 4.64 -0.98
CA ALA A 186 10.64 5.60 -2.05
C ALA A 186 10.24 7.00 -1.53
N LEU A 187 9.32 7.08 -0.60
CA LEU A 187 8.98 8.31 -0.04
C LEU A 187 10.21 8.92 0.55
N ASP A 188 11.19 8.13 0.99
CA ASP A 188 12.36 8.69 1.64
C ASP A 188 13.53 8.96 0.65
N GLY A 189 13.27 8.84 -0.64
CA GLY A 189 14.33 9.10 -1.65
C GLY A 189 14.91 7.78 -2.08
N TYR A 190 15.42 7.81 -3.32
CA TYR A 190 15.88 6.69 -4.00
C TYR A 190 16.97 5.93 -3.26
N SER A 191 17.87 6.59 -2.53
CA SER A 191 18.95 5.82 -1.89
CA SER A 191 18.97 5.90 -1.83
C SER A 191 18.45 4.97 -0.73
N VAL A 192 17.38 5.35 -0.05
CA VAL A 192 16.84 4.42 0.97
C VAL A 192 16.02 3.33 0.29
N ALA A 193 15.17 3.73 -0.66
CA ALA A 193 14.36 2.74 -1.36
C ALA A 193 15.18 1.63 -1.98
N ALA A 194 16.30 2.02 -2.57
CA ALA A 194 17.11 1.07 -3.32
C ALA A 194 17.70 0.00 -2.45
N TYR A 195 17.61 0.09 -1.11
CA TYR A 195 17.94 -1.08 -0.28
C TYR A 195 16.85 -1.53 0.69
N LEU A 196 15.95 -0.64 1.10
CA LEU A 196 14.84 -1.03 2.01
C LEU A 196 13.53 -1.37 1.33
N GLY A 197 13.24 -0.85 0.16
CA GLY A 197 11.95 -1.12 -0.43
C GLY A 197 10.79 -0.85 0.52
N ASN A 198 9.75 -1.72 0.52
CA ASN A 198 8.64 -1.62 1.47
C ASN A 198 8.97 -2.28 2.76
N ILE A 199 8.69 -1.56 3.87
CA ILE A 199 9.13 -2.06 5.15
C ILE A 199 7.94 -1.84 6.07
N THR A 200 7.73 -2.75 7.03
CA THR A 200 6.62 -2.57 7.97
C THR A 200 7.14 -1.78 9.17
N MET A 201 6.38 -0.76 9.55
CA MET A 201 6.71 0.07 10.73
C MET A 201 5.57 0.11 11.75
N ARG A 202 5.84 0.77 12.88
CA ARG A 202 4.85 0.87 13.94
C ARG A 202 4.88 2.25 14.51
N THR A 203 3.72 2.89 14.65
CA THR A 203 3.70 4.21 15.30
C THR A 203 2.79 4.13 16.50
N GLU A 204 3.26 4.75 17.59
CA GLU A 204 2.57 4.83 18.86
C GLU A 204 2.63 6.26 19.30
N GLY A 205 1.46 6.81 19.61
CA GLY A 205 1.37 8.19 20.06
C GLY A 205 -0.05 8.64 20.26
N VAL A 206 -0.22 9.93 20.41
CA VAL A 206 -1.50 10.49 20.75
C VAL A 206 -1.79 11.61 19.79
N LEU A 207 -2.97 11.60 19.21
CA LEU A 207 -3.35 12.66 18.31
C LEU A 207 -4.42 13.48 19.03
N ASN A 208 -4.17 14.78 19.11
CA ASN A 208 -5.17 15.75 19.56
C ASN A 208 -5.74 16.62 18.49
N VAL A 209 -7.05 16.56 18.35
CA VAL A 209 -7.76 17.36 17.37
C VAL A 209 -8.80 18.21 18.09
N LYS A 210 -8.74 19.52 17.87
CA LYS A 210 -9.66 20.46 18.50
C LYS A 210 -10.73 20.95 17.54
N SER A 211 -11.80 21.50 18.11
CA SER A 211 -12.97 21.95 17.32
C SER A 211 -12.62 23.07 16.37
N ASP A 212 -11.61 23.85 16.74
CA ASP A 212 -11.12 24.93 15.89
C ASP A 212 -10.32 24.47 14.69
N GLY A 213 -10.01 23.18 14.63
CA GLY A 213 -9.29 22.60 13.50
C GLY A 213 -7.79 22.40 13.74
N THR A 214 -7.22 23.07 14.74
CA THR A 214 -5.84 22.80 15.11
C THR A 214 -5.73 21.36 15.58
N TRP A 215 -4.60 20.75 15.27
CA TRP A 215 -4.30 19.42 15.77
C TRP A 215 -2.83 19.31 16.10
N GLN A 216 -2.52 18.38 16.94
CA GLN A 216 -1.14 18.07 17.13
C GLN A 216 -1.01 16.58 17.32
N TYR A 217 0.18 16.08 16.99
CA TYR A 217 0.49 14.66 17.19
C TYR A 217 1.84 14.51 17.81
N GLU A 218 1.94 13.60 18.74
CA GLU A 218 3.24 13.26 19.27
C GLU A 218 3.33 11.79 19.61
N GLY A 219 4.45 11.20 19.25
CA GLY A 219 4.67 9.81 19.50
C GLY A 219 5.95 9.41 18.86
N VAL A 220 6.11 8.11 18.66
CA VAL A 220 7.34 7.53 18.16
C VAL A 220 7.03 6.61 17.01
N ILE A 221 8.07 6.28 16.26
CA ILE A 221 8.10 5.23 15.24
C ILE A 221 9.22 4.22 15.48
N ARG A 222 8.91 2.95 15.23
CA ARG A 222 9.87 1.85 15.28
C ARG A 222 9.66 1.03 14.03
N SER A 223 10.62 0.18 13.70
CA SER A 223 10.60 -0.52 12.42
C SER A 223 10.72 -1.99 12.67
N TYR A 224 10.06 -2.80 11.88
CA TYR A 224 10.30 -4.21 11.99
C TYR A 224 11.50 -4.49 11.09
N ASN A 225 11.97 -5.71 11.12
CA ASN A 225 13.09 -6.04 10.25
C ASN A 225 12.69 -5.98 8.78
N ASP A 226 13.57 -5.42 7.96
CA ASP A 226 13.46 -5.50 6.51
C ASP A 226 13.94 -6.89 6.06
N THR A 227 13.25 -7.49 5.10
CA THR A 227 13.66 -8.72 4.49
C THR A 227 14.31 -8.32 3.20
N TYR A 228 15.64 -8.47 3.03
CA TYR A 228 16.31 -8.01 1.82
C TYR A 228 16.32 -9.12 0.82
N ASP A 229 15.69 -8.90 -0.31
CA ASP A 229 15.70 -9.88 -1.38
C ASP A 229 15.88 -9.15 -2.68
N ALA A 230 16.95 -9.43 -3.38
CA ALA A 230 17.20 -8.66 -4.57
C ALA A 230 17.25 -9.57 -5.77
N ASN A 231 16.33 -10.55 -5.80
CA ASN A 231 16.26 -11.54 -6.90
C ASN A 231 15.98 -10.81 -8.21
N PRO A 232 16.05 -11.50 -9.34
CA PRO A 232 15.90 -10.81 -10.64
C PRO A 232 14.59 -10.04 -10.94
N SER A 233 13.56 -10.21 -10.13
CA SER A 233 12.24 -9.61 -10.40
C SER A 233 11.92 -8.42 -9.49
N THR A 234 12.89 -8.01 -8.70
CA THR A 234 12.74 -6.92 -7.72
C THR A 234 13.44 -5.64 -8.20
N HIS A 235 13.04 -4.50 -7.62
CA HIS A 235 13.69 -3.20 -7.99
C HIS A 235 15.10 -3.22 -7.55
N ARG A 236 15.32 -3.71 -6.34
CA ARG A 236 16.66 -3.97 -5.87
C ARG A 236 17.52 -4.84 -6.80
N GLY A 237 16.91 -5.80 -7.49
CA GLY A 237 17.66 -6.63 -8.49
C GLY A 237 17.95 -5.81 -9.72
N ALA A 238 17.00 -4.99 -10.13
CA ALA A 238 17.22 -3.98 -11.18
C ALA A 238 18.44 -3.10 -10.89
N LEU A 239 18.64 -2.69 -9.66
CA LEU A 239 19.83 -1.88 -9.37
C LEU A 239 21.09 -2.76 -9.33
N GLY A 240 20.94 -3.98 -8.89
CA GLY A 240 22.00 -4.94 -8.99
C GLY A 240 22.44 -5.15 -10.43
N GLU A 241 21.56 -5.52 -11.35
CA GLU A 241 22.00 -5.74 -12.74
C GLU A 241 22.34 -4.39 -13.41
N TRP A 242 23.48 -3.84 -13.02
CA TRP A 242 23.94 -2.52 -13.45
C TRP A 242 25.45 -2.34 -13.28
N SER A 251 23.81 -16.30 -7.92
CA SER A 251 22.64 -15.96 -7.15
C SER A 251 23.02 -15.61 -5.71
N GLY A 252 22.13 -14.86 -5.10
CA GLY A 252 22.30 -14.45 -3.74
C GLY A 252 21.38 -15.20 -2.82
N THR A 253 21.36 -14.73 -1.59
CA THR A 253 20.64 -15.30 -0.48
C THR A 253 19.97 -14.12 0.26
N PRO A 254 18.65 -14.20 0.47
CA PRO A 254 17.96 -13.17 1.20
C PRO A 254 18.50 -13.08 2.62
N TYR A 255 18.27 -11.93 3.27
CA TYR A 255 18.75 -11.76 4.65
C TYR A 255 17.99 -10.69 5.29
N GLU A 256 18.03 -10.70 6.60
CA GLU A 256 17.36 -9.69 7.40
C GLU A 256 18.20 -8.44 7.64
N ILE A 257 17.55 -7.29 7.71
CA ILE A 257 18.16 -6.08 8.21
C ILE A 257 17.41 -5.61 9.46
N ARG A 258 18.10 -5.64 10.57
CA ARG A 258 17.52 -5.30 11.84
C ARG A 258 17.65 -3.79 11.88
N ILE A 259 16.57 -3.11 12.25
CA ILE A 259 16.50 -1.67 12.27
C ILE A 259 16.07 -1.24 13.67
N PRO A 260 16.96 -1.39 14.67
CA PRO A 260 16.59 -1.09 16.06
C PRO A 260 16.44 0.41 16.31
N GLY A 261 15.77 0.78 17.38
CA GLY A 261 15.73 2.18 17.83
C GLY A 261 14.35 2.78 17.66
N GLU A 262 14.21 4.03 18.05
CA GLU A 262 12.93 4.71 18.06
C GLU A 262 13.17 6.04 17.44
N LEU A 263 12.33 6.38 16.46
CA LEU A 263 12.35 7.67 15.85
C LEU A 263 11.25 8.46 16.55
N LYS A 264 11.48 9.75 16.78
CA LYS A 264 10.51 10.63 17.43
C LYS A 264 9.75 11.48 16.43
N ILE A 265 8.50 11.74 16.75
CA ILE A 265 7.61 12.41 15.83
C ILE A 265 6.79 13.40 16.62
N LYS A 266 6.76 14.62 16.11
CA LYS A 266 6.11 15.72 16.76
C LYS A 266 5.77 16.70 15.67
N GLU A 267 4.48 16.92 15.48
CA GLU A 267 4.00 17.86 14.49
C GLU A 267 2.67 18.44 14.95
N ASN A 268 2.33 19.56 14.34
CA ASN A 268 1.06 20.18 14.55
C ASN A 268 0.59 20.86 13.28
N GLY A 269 -0.71 21.13 13.18
CA GLY A 269 -1.22 21.85 12.02
C GLY A 269 -2.62 22.33 12.22
N LYS A 270 -3.23 22.73 11.11
CA LYS A 270 -4.59 23.27 11.11
C LYS A 270 -5.36 22.73 9.90
N LYS A 271 -6.53 22.13 10.12
CA LYS A 271 -7.25 21.39 9.04
C LYS A 271 -7.64 22.19 7.76
N ALA B 2 -36.39 -23.29 25.97
CA ALA B 2 -36.40 -23.41 24.49
C ALA B 2 -34.98 -23.55 23.96
N THR B 3 -34.71 -24.68 23.32
CA THR B 3 -33.36 -25.03 22.87
C THR B 3 -33.03 -24.45 21.48
N TYR B 4 -31.81 -23.90 21.33
CA TYR B 4 -31.37 -23.30 20.06
C TYR B 4 -29.93 -23.67 19.68
N LYS B 5 -29.75 -23.93 18.39
CA LYS B 5 -28.47 -24.30 17.78
C LYS B 5 -27.64 -23.05 17.53
N VAL B 6 -26.48 -22.97 18.18
CA VAL B 6 -25.67 -21.75 18.12
C VAL B 6 -24.35 -21.99 17.39
N LYS B 7 -24.10 -21.14 16.38
CA LYS B 7 -23.01 -21.35 15.48
C LYS B 7 -21.84 -20.43 15.82
N ASP B 8 -20.66 -21.01 15.95
CA ASP B 8 -19.47 -20.25 16.25
C ASP B 8 -18.51 -20.35 15.10
N VAL B 9 -18.32 -19.20 14.48
CA VAL B 9 -17.44 -19.05 13.36
C VAL B 9 -15.99 -19.30 13.78
N THR B 10 -15.69 -19.09 15.06
CA THR B 10 -14.31 -19.21 15.54
C THR B 10 -13.80 -20.65 15.68
N THR B 11 -14.51 -21.47 16.44
CA THR B 11 -14.14 -22.87 16.63
C THR B 11 -14.80 -23.74 15.57
N GLY B 12 -15.69 -23.15 14.78
CA GLY B 12 -16.46 -23.87 13.78
C GLY B 12 -17.41 -24.84 14.45
N ALA B 13 -17.85 -24.51 15.65
CA ALA B 13 -18.74 -25.39 16.39
C ALA B 13 -20.19 -24.98 16.18
N GLU B 14 -21.04 -25.98 16.09
CA GLU B 14 -22.47 -25.77 16.04
C GLU B 14 -23.02 -26.75 17.04
N ILE B 15 -23.94 -26.28 17.87
CA ILE B 15 -24.29 -26.98 19.09
C ILE B 15 -25.63 -26.48 19.65
N GLU B 16 -26.49 -27.41 20.09
CA GLU B 16 -27.84 -27.07 20.54
C GLU B 16 -27.80 -26.75 22.01
N VAL B 17 -28.32 -25.57 22.38
CA VAL B 17 -28.19 -25.07 23.73
C VAL B 17 -29.55 -24.57 24.24
N PRO B 18 -30.02 -25.09 25.39
CA PRO B 18 -31.30 -24.67 25.98
C PRO B 18 -31.29 -23.25 26.49
N ASP B 19 -32.47 -22.75 26.82
CA ASP B 19 -32.61 -21.41 27.37
C ASP B 19 -32.31 -21.43 28.86
N ASP B 20 -32.27 -22.62 29.46
CA ASP B 20 -31.94 -22.77 30.87
C ASP B 20 -30.46 -23.09 31.12
N LYS B 21 -29.60 -22.84 30.12
CA LYS B 21 -28.15 -22.96 30.28
C LYS B 21 -27.37 -21.93 29.47
N TYR B 22 -26.29 -21.41 30.07
CA TYR B 22 -25.49 -20.39 29.42
C TYR B 22 -24.69 -20.97 28.28
N ILE B 23 -24.48 -20.12 27.28
CA ILE B 23 -23.80 -20.53 26.07
C ILE B 23 -22.45 -21.14 26.43
N LEU B 24 -21.67 -20.40 27.20
CA LEU B 24 -20.35 -20.88 27.61
C LEU B 24 -20.45 -22.26 28.26
N ASP B 25 -21.36 -22.37 29.21
CA ASP B 25 -21.50 -23.63 29.95
C ASP B 25 -21.68 -24.79 28.99
N GLU B 26 -22.59 -24.65 28.05
CA GLU B 26 -22.94 -25.77 27.18
C GLU B 26 -21.83 -26.13 26.21
N PHE B 27 -21.09 -25.14 25.73
CA PHE B 27 -19.95 -25.41 24.87
C PHE B 27 -18.89 -26.23 25.59
N GLU B 28 -18.82 -26.08 26.92
CA GLU B 28 -17.75 -26.68 27.71
C GLU B 28 -18.12 -28.09 28.13
N LYS B 29 -19.41 -28.29 28.37
CA LYS B 29 -19.94 -29.62 28.64
C LYS B 29 -19.87 -30.49 27.38
N GLN B 30 -19.96 -29.86 26.22
CA GLN B 30 -19.76 -30.55 24.94
C GLN B 30 -18.29 -30.46 24.48
N GLY B 31 -17.38 -30.30 25.44
CA GLY B 31 -15.93 -30.35 25.20
C GLY B 31 -15.33 -29.24 24.36
N VAL B 32 -16.04 -28.11 24.22
CA VAL B 32 -15.51 -26.96 23.48
C VAL B 32 -14.95 -25.95 24.47
N ASN B 33 -13.72 -25.53 24.20
CA ASN B 33 -12.94 -24.80 25.19
C ASN B 33 -12.88 -23.31 24.91
N LEU B 34 -13.91 -22.61 25.37
CA LEU B 34 -14.02 -21.17 25.21
C LEU B 34 -13.24 -20.37 26.24
N PRO B 35 -12.93 -19.14 25.92
CA PRO B 35 -12.24 -18.30 26.88
C PRO B 35 -13.20 -17.69 27.86
N TYR B 36 -12.78 -17.60 29.11
CA TYR B 36 -13.52 -16.93 30.15
C TYR B 36 -12.54 -16.53 31.22
N SER B 37 -13.04 -15.76 32.17
CA SER B 37 -12.29 -15.37 33.35
C SER B 37 -13.19 -15.16 34.54
N CYS B 38 -13.74 -13.97 34.63
CA CYS B 38 -14.60 -13.67 35.78
C CYS B 38 -15.81 -14.60 35.92
N ARG B 39 -16.31 -15.15 34.82
CA ARG B 39 -17.53 -16.00 34.84
C ARG B 39 -18.80 -15.36 35.44
N ALA B 40 -18.79 -14.05 35.70
CA ALA B 40 -19.96 -13.35 36.24
C ALA B 40 -20.35 -12.01 35.56
N GLY B 41 -20.10 -11.88 34.26
CA GLY B 41 -20.48 -10.69 33.50
C GLY B 41 -19.87 -9.37 33.96
N ALA B 42 -18.59 -9.39 34.33
CA ALA B 42 -17.91 -8.19 34.79
C ALA B 42 -16.49 -8.06 34.23
N CYS B 43 -16.23 -8.79 33.15
CA CYS B 43 -15.04 -8.59 32.31
C CYS B 43 -15.50 -8.83 30.86
N SER B 44 -14.55 -8.92 29.94
CA SER B 44 -14.85 -9.13 28.53
C SER B 44 -14.07 -10.32 27.95
N SER B 45 -13.55 -11.17 28.84
CA SER B 45 -12.69 -12.29 28.39
C SER B 45 -13.48 -13.27 27.53
N CYS B 46 -14.77 -13.35 27.80
CA CYS B 46 -15.65 -14.29 27.15
C CYS B 46 -16.51 -13.63 26.08
N VAL B 47 -16.15 -12.41 25.69
CA VAL B 47 -16.98 -11.62 24.79
C VAL B 47 -17.01 -12.24 23.40
N ALA B 48 -18.13 -12.06 22.73
CA ALA B 48 -18.29 -12.54 21.37
C ALA B 48 -19.16 -11.59 20.57
N LEU B 49 -18.80 -11.46 19.29
CA LEU B 49 -19.62 -10.75 18.31
C LEU B 49 -20.80 -11.64 17.93
N ILE B 50 -22.01 -11.10 18.01
CA ILE B 50 -23.17 -11.80 17.44
C ILE B 50 -23.58 -11.18 16.10
N SER B 51 -23.63 -12.00 15.05
CA SER B 51 -24.04 -11.53 13.71
C SER B 51 -25.44 -11.96 13.29
N SER B 52 -26.01 -12.94 14.00
CA SER B 52 -27.44 -13.25 13.92
C SER B 52 -27.96 -13.96 15.16
N GLY B 53 -29.19 -13.64 15.54
CA GLY B 53 -29.81 -14.12 16.75
C GLY B 53 -29.84 -13.02 17.80
N GLU B 54 -30.26 -13.38 18.99
CA GLU B 54 -30.29 -12.46 20.12
C GLU B 54 -30.22 -13.23 21.42
N VAL B 55 -29.91 -12.51 22.50
CA VAL B 55 -29.70 -13.10 23.83
C VAL B 55 -30.22 -12.24 24.96
N ASP B 56 -30.22 -12.85 26.15
CA ASP B 56 -30.42 -12.17 27.41
C ASP B 56 -29.09 -12.14 28.19
N GLN B 57 -28.43 -10.98 28.21
CA GLN B 57 -27.22 -10.79 29.01
C GLN B 57 -27.47 -9.71 30.08
N SER B 58 -28.63 -9.80 30.72
CA SER B 58 -28.99 -8.85 31.77
C SER B 58 -28.10 -8.99 33.00
N ASP B 59 -27.66 -10.22 33.27
CA ASP B 59 -26.82 -10.48 34.44
C ASP B 59 -25.48 -9.77 34.36
N GLY B 60 -24.93 -9.66 33.15
CA GLY B 60 -23.68 -8.92 32.94
C GLY B 60 -23.94 -7.44 32.73
N SER B 61 -22.99 -6.62 33.18
CA SER B 61 -23.09 -5.18 33.00
C SER B 61 -21.81 -4.51 32.43
N PHE B 62 -20.78 -5.29 32.10
CA PHE B 62 -19.49 -4.71 31.68
C PHE B 62 -19.53 -4.06 30.29
N LEU B 63 -20.43 -4.51 29.44
CA LEU B 63 -20.60 -3.89 28.11
C LEU B 63 -21.47 -2.64 28.23
N SER B 64 -21.25 -1.68 27.33
CA SER B 64 -22.15 -0.53 27.20
C SER B 64 -23.33 -0.94 26.32
N GLU B 65 -24.40 -0.15 26.40
CA GLU B 65 -25.66 -0.45 25.67
C GLU B 65 -25.34 -0.55 24.20
N LYS B 66 -24.60 0.46 23.72
CA LYS B 66 -24.10 0.50 22.34
C LYS B 66 -23.39 -0.80 21.97
N GLN B 67 -22.40 -1.19 22.80
CA GLN B 67 -21.66 -2.43 22.56
C GLN B 67 -22.56 -3.66 22.59
N GLU B 68 -23.58 -3.63 23.44
CA GLU B 68 -24.50 -4.76 23.55
C GLU B 68 -25.34 -5.07 22.29
N LYS B 69 -25.52 -4.11 21.41
CA LYS B 69 -26.25 -4.38 20.17
C LYS B 69 -25.59 -5.46 19.31
N LYS B 70 -24.26 -5.55 19.32
CA LYS B 70 -23.57 -6.59 18.54
C LYS B 70 -22.63 -7.51 19.32
N TYR B 71 -22.37 -7.17 20.59
CA TYR B 71 -21.45 -7.90 21.45
C TYR B 71 -22.15 -8.56 22.62
N ILE B 72 -21.85 -9.83 22.83
CA ILE B 72 -22.37 -10.56 23.97
C ILE B 72 -21.28 -11.17 24.85
N LEU B 73 -21.56 -11.24 26.17
CA LEU B 73 -20.71 -11.97 27.10
C LEU B 73 -21.26 -13.39 27.22
N THR B 74 -20.51 -14.35 26.70
CA THR B 74 -20.96 -15.75 26.60
C THR B 74 -21.22 -16.40 27.96
N CYS B 75 -20.40 -16.04 28.96
CA CYS B 75 -20.47 -16.62 30.31
C CYS B 75 -21.78 -16.49 30.99
N CYS B 76 -22.56 -15.48 30.59
CA CYS B 76 -23.87 -15.21 31.18
C CYS B 76 -24.86 -14.73 30.12
N SER B 77 -24.94 -15.49 29.03
CA SER B 77 -25.84 -15.20 27.91
C SER B 77 -26.78 -16.35 27.60
N TYR B 78 -28.07 -16.15 27.89
CA TYR B 78 -29.13 -17.09 27.53
C TYR B 78 -29.59 -16.85 26.09
N PRO B 79 -29.62 -17.90 25.24
CA PRO B 79 -29.97 -17.74 23.84
C PRO B 79 -31.49 -17.62 23.65
N LYS B 80 -31.92 -16.82 22.69
CA LYS B 80 -33.35 -16.60 22.44
C LYS B 80 -33.80 -17.20 21.10
N SER B 81 -32.85 -17.51 20.22
CA SER B 81 -33.11 -18.14 18.92
C SER B 81 -31.81 -18.75 18.39
N ASP B 82 -31.88 -19.46 17.27
CA ASP B 82 -30.67 -19.97 16.64
C ASP B 82 -29.77 -18.77 16.35
N CYS B 83 -28.51 -18.87 16.76
CA CYS B 83 -27.62 -17.74 16.70
C CYS B 83 -26.36 -18.12 15.96
N THR B 84 -25.72 -17.11 15.38
CA THR B 84 -24.35 -17.27 14.94
C THR B 84 -23.50 -16.21 15.68
N ILE B 85 -22.31 -16.61 16.08
CA ILE B 85 -21.46 -15.77 16.92
C ILE B 85 -20.01 -15.95 16.55
N GLU B 86 -19.20 -14.96 16.87
CA GLU B 86 -17.76 -15.12 16.71
C GLU B 86 -17.10 -15.03 18.08
N THR B 87 -16.60 -16.16 18.60
CA THR B 87 -15.99 -16.18 19.94
C THR B 87 -14.54 -15.68 19.88
N GLY B 88 -13.91 -15.50 21.05
CA GLY B 88 -12.52 -15.05 21.20
C GLY B 88 -12.34 -13.61 20.73
N TYR B 89 -13.40 -12.84 20.88
CA TYR B 89 -13.51 -11.56 20.19
C TYR B 89 -12.96 -10.37 21.00
N GLU B 90 -12.47 -10.64 22.21
CA GLU B 90 -11.95 -9.61 23.13
C GLU B 90 -11.01 -8.58 22.50
N ASP B 91 -9.91 -9.04 21.91
CA ASP B 91 -8.94 -8.13 21.23
C ASP B 91 -9.53 -7.23 20.14
N LYS B 92 -10.68 -7.61 19.57
CA LYS B 92 -11.26 -6.94 18.40
C LYS B 92 -12.44 -6.08 18.75
N ILE B 93 -12.62 -5.77 20.03
CA ILE B 93 -13.84 -5.15 20.43
C ILE B 93 -13.74 -3.63 20.28
N LEU B 94 -14.83 -2.99 19.87
CA LEU B 94 -14.81 -1.56 19.65
C LEU B 94 -15.36 -0.82 20.81
N GLU B 95 -14.75 0.32 21.12
CA GLU B 95 -15.28 1.30 22.07
C GLU B 95 -16.44 2.03 21.44
N ASP B 96 -17.13 2.84 22.25
CA ASP B 96 -18.32 3.57 21.79
C ASP B 96 -17.97 4.60 20.72
N PHE B 97 -16.85 5.30 20.87
CA PHE B 97 -16.46 6.31 19.89
C PHE B 97 -16.04 5.67 18.55
N GLU B 98 -15.62 4.41 18.59
CA GLU B 98 -15.33 3.64 17.38
C GLU B 98 -16.59 3.01 16.78
N ILE B 99 -17.54 2.59 17.61
CA ILE B 99 -18.88 2.27 17.12
C ILE B 99 -19.42 3.51 16.43
N GLU B 100 -19.42 4.64 17.12
CA GLU B 100 -19.86 5.92 16.57
C GLU B 100 -19.22 6.17 15.19
N LEU B 101 -17.90 6.05 15.10
CA LEU B 101 -17.20 6.20 13.80
C LEU B 101 -17.72 5.23 12.70
N ALA B 102 -17.73 3.92 12.96
CA ALA B 102 -18.23 2.93 11.99
C ALA B 102 -19.67 3.16 11.54
N GLU B 103 -20.52 3.69 12.43
CA GLU B 103 -21.91 3.89 12.12
C GLU B 103 -22.19 5.30 11.62
N THR B 104 -21.16 6.10 11.38
CA THR B 104 -21.37 7.45 10.94
C THR B 104 -21.80 7.36 9.47
N GLY B 105 -23.02 7.82 9.22
CA GLY B 105 -23.66 7.68 7.91
C GLY B 105 -24.69 6.55 7.78
N LEU B 106 -24.73 5.67 8.77
CA LEU B 106 -25.56 4.49 8.69
C LEU B 106 -27.05 4.83 8.71
N GLU B 107 -27.48 5.66 9.62
CA GLU B 107 -28.90 5.92 9.68
C GLU B 107 -29.31 6.80 8.52
N PHE B 108 -28.39 7.60 8.03
CA PHE B 108 -28.63 8.40 6.83
C PHE B 108 -28.79 7.48 5.64
N PHE B 109 -27.98 6.43 5.55
CA PHE B 109 -28.11 5.46 4.46
C PHE B 109 -29.46 4.71 4.52
N ASN B 110 -29.82 4.22 5.69
CA ASN B 110 -31.11 3.52 5.86
C ASN B 110 -32.30 4.33 5.42
N ASP B 111 -32.28 5.60 5.76
CA ASP B 111 -33.33 6.53 5.38
C ASP B 111 -33.45 6.69 3.87
N LEU B 112 -32.41 6.41 3.11
CA LEU B 112 -32.59 6.51 1.64
C LEU B 112 -32.39 5.22 0.84
N LYS B 113 -32.14 4.09 1.49
CA LYS B 113 -31.71 2.91 0.74
C LYS B 113 -32.80 2.32 -0.16
N ASP B 114 -34.07 2.52 0.16
CA ASP B 114 -35.12 1.88 -0.63
C ASP B 114 -35.23 2.56 -1.99
N SER B 115 -34.88 3.83 -2.03
CA SER B 115 -34.99 4.56 -3.27
C SER B 115 -33.68 4.44 -4.09
N LEU B 116 -32.68 3.69 -3.60
CA LEU B 116 -31.37 3.70 -4.26
C LEU B 116 -31.34 2.89 -5.57
N PRO B 117 -30.65 3.42 -6.57
CA PRO B 117 -30.65 2.88 -7.91
C PRO B 117 -29.87 1.56 -8.21
N ARG B 118 -28.87 1.16 -7.46
CA ARG B 118 -27.99 0.01 -7.92
C ARG B 118 -27.60 0.12 -9.41
N SER B 119 -27.37 1.34 -9.88
CA SER B 119 -26.67 1.54 -11.13
C SER B 119 -26.14 2.93 -11.15
N GLY B 120 -25.29 3.23 -12.12
CA GLY B 120 -24.76 4.59 -12.25
C GLY B 120 -23.89 5.00 -11.06
N GLU B 121 -23.98 6.28 -10.75
CA GLU B 121 -23.16 6.91 -9.79
C GLU B 121 -23.57 6.55 -8.40
N ILE B 122 -22.57 6.39 -7.54
CA ILE B 122 -22.75 6.28 -6.11
C ILE B 122 -22.86 7.70 -5.51
N LEU B 123 -23.81 7.92 -4.63
CA LEU B 123 -23.98 9.20 -3.98
C LEU B 123 -22.76 9.40 -3.12
N SER B 124 -22.17 10.58 -3.26
CA SER B 124 -21.01 10.93 -2.44
C SER B 124 -21.32 11.33 -1.00
N GLY B 125 -20.28 11.21 -0.20
CA GLY B 125 -20.26 11.62 1.18
C GLY B 125 -20.32 10.40 2.03
N VAL B 126 -20.97 10.54 3.18
CA VAL B 126 -20.82 9.53 4.25
C VAL B 126 -21.59 8.24 3.97
N THR B 127 -22.57 8.25 3.07
CA THR B 127 -23.23 7.01 2.81
C THR B 127 -22.52 6.20 1.73
N ALA B 128 -21.46 6.70 1.10
CA ALA B 128 -20.84 5.93 0.03
C ALA B 128 -20.42 4.50 0.40
N PRO B 129 -19.79 4.30 1.57
CA PRO B 129 -19.38 2.92 1.85
C PRO B 129 -20.51 1.98 2.14
N PHE B 130 -21.63 2.50 2.67
CA PHE B 130 -22.81 1.62 2.87
C PHE B 130 -23.48 1.34 1.51
N GLU B 131 -23.63 2.33 0.68
CA GLU B 131 -24.11 2.08 -0.69
C GLU B 131 -23.27 1.05 -1.43
N ALA B 132 -21.93 1.24 -1.40
CA ALA B 132 -20.97 0.33 -2.10
C ALA B 132 -21.11 -1.14 -1.60
N PHE B 133 -21.22 -1.31 -0.30
CA PHE B 133 -21.45 -2.64 0.26
C PHE B 133 -22.84 -3.17 -0.09
N ASP B 134 -23.88 -2.38 0.12
CA ASP B 134 -25.23 -2.79 -0.31
C ASP B 134 -25.24 -3.26 -1.78
N HIS B 135 -24.52 -2.59 -2.66
CA HIS B 135 -24.44 -3.01 -4.05
C HIS B 135 -23.64 -4.33 -4.25
N TYR B 136 -22.68 -4.57 -3.38
CA TYR B 136 -21.89 -5.79 -3.46
C TYR B 136 -22.88 -6.88 -3.27
N LEU B 137 -23.83 -6.69 -2.36
CA LEU B 137 -24.78 -7.78 -2.06
C LEU B 137 -25.96 -7.83 -3.06
N PHE B 138 -26.46 -6.68 -3.48
CA PHE B 138 -27.76 -6.68 -4.19
C PHE B 138 -27.66 -6.31 -5.64
N GLY B 139 -26.49 -5.95 -6.09
CA GLY B 139 -26.39 -5.35 -7.43
C GLY B 139 -26.05 -6.28 -8.54
N ASN B 140 -25.90 -7.55 -8.21
CA ASN B 140 -25.63 -8.54 -9.26
C ASN B 140 -24.56 -8.19 -10.25
N GLY B 141 -23.53 -7.50 -9.80
CA GLY B 141 -22.32 -7.31 -10.63
C GLY B 141 -22.36 -6.09 -11.51
N VAL B 142 -23.42 -5.30 -11.45
CA VAL B 142 -23.55 -4.11 -12.35
C VAL B 142 -22.50 -3.07 -11.98
N GLU B 143 -21.93 -2.46 -12.99
CA GLU B 143 -20.84 -1.54 -12.85
C GLU B 143 -21.40 -0.29 -12.14
N ARG B 144 -20.55 0.43 -11.38
CA ARG B 144 -20.92 1.69 -10.79
C ARG B 144 -19.80 2.68 -11.05
N SER B 145 -20.04 3.93 -10.72
CA SER B 145 -19.03 4.95 -10.89
C SER B 145 -19.16 6.06 -9.88
N ILE B 146 -18.06 6.79 -9.74
CA ILE B 146 -18.08 7.97 -8.98
C ILE B 146 -16.95 8.87 -9.49
N ASN B 147 -17.25 10.14 -9.76
CA ASN B 147 -16.25 11.02 -10.31
C ASN B 147 -15.15 11.23 -9.31
N ILE B 148 -13.94 11.28 -9.82
CA ILE B 148 -12.79 11.48 -8.98
C ILE B 148 -12.87 12.73 -8.14
N ASN B 149 -13.57 13.74 -8.62
CA ASN B 149 -13.72 15.01 -7.84
C ASN B 149 -14.75 14.97 -6.75
N ASP B 150 -15.54 13.90 -6.63
CA ASP B 150 -16.59 13.78 -5.62
C ASP B 150 -16.33 12.68 -4.62
N VAL B 151 -15.29 11.86 -4.82
CA VAL B 151 -14.87 10.92 -3.80
C VAL B 151 -14.52 11.67 -2.56
N GLY B 152 -13.97 12.87 -2.66
CA GLY B 152 -13.40 13.49 -1.50
C GLY B 152 -11.94 13.06 -1.15
N PHE B 153 -11.10 12.94 -2.15
CA PHE B 153 -9.75 12.60 -1.89
C PHE B 153 -9.14 13.81 -1.22
N ASN B 154 -8.08 13.59 -0.43
CA ASN B 154 -7.21 14.64 -0.02
C ASN B 154 -5.75 14.25 -0.22
N ILE B 155 -5.25 14.57 -1.41
CA ILE B 155 -4.03 14.01 -1.88
C ILE B 155 -2.95 15.09 -1.85
N ASN B 156 -1.85 14.83 -1.16
CA ASN B 156 -0.73 15.81 -1.04
C ASN B 156 0.52 15.25 -1.77
N VAL B 157 1.44 16.11 -2.19
CA VAL B 157 2.66 15.62 -2.82
C VAL B 157 3.44 14.62 -1.93
N SER B 158 3.51 14.92 -0.64
CA SER B 158 4.26 14.07 0.28
C SER B 158 3.73 12.60 0.32
N GLN B 159 2.57 12.34 -0.23
CA GLN B 159 2.03 10.98 -0.21
C GLN B 159 2.24 10.26 -1.53
N ILE B 160 2.90 10.89 -2.51
CA ILE B 160 3.09 10.32 -3.87
C ILE B 160 4.54 9.89 -4.13
N PRO B 161 4.86 8.60 -4.06
CA PRO B 161 6.29 8.23 -4.01
C PRO B 161 7.11 8.75 -5.19
N PRO B 162 6.59 8.62 -6.41
CA PRO B 162 7.46 9.03 -7.53
C PRO B 162 7.82 10.52 -7.53
N ILE B 163 6.99 11.38 -6.95
CA ILE B 163 7.45 12.76 -6.69
C ILE B 163 8.38 12.86 -5.47
N MET B 164 8.03 12.19 -4.37
CA MET B 164 8.79 12.39 -3.17
C MET B 164 10.17 11.78 -3.28
N SER B 165 10.31 10.80 -4.14
CA SER B 165 11.62 10.25 -4.39
CA SER B 165 11.62 10.25 -4.43
C SER B 165 12.60 11.34 -4.87
N LEU B 166 12.16 12.23 -5.75
CA LEU B 166 12.99 13.32 -6.23
C LEU B 166 13.18 14.41 -5.23
N LEU B 167 12.15 14.67 -4.47
CA LEU B 167 12.14 15.81 -3.58
C LEU B 167 12.94 15.51 -2.35
N ASN B 168 13.05 14.23 -1.95
CA ASN B 168 13.86 13.85 -0.80
C ASN B 168 15.28 13.45 -1.21
N GLY B 169 15.78 14.05 -2.26
CA GLY B 169 17.19 14.01 -2.63
C GLY B 169 17.63 15.38 -3.12
N LYS B 170 18.79 15.41 -3.76
CA LYS B 170 19.49 16.67 -4.02
C LYS B 170 19.38 17.14 -5.48
N ASN B 171 18.22 16.95 -6.06
CA ASN B 171 18.03 17.24 -7.47
C ASN B 171 17.45 18.61 -7.64
N VAL B 172 18.05 19.41 -8.51
CA VAL B 172 17.58 20.75 -8.77
C VAL B 172 17.14 20.83 -10.19
N GLY B 173 16.11 21.61 -10.43
CA GLY B 173 15.64 21.76 -11.82
C GLY B 173 14.21 21.29 -12.11
N ARG B 174 13.94 21.04 -13.38
CA ARG B 174 12.63 20.69 -13.91
C ARG B 174 12.52 19.19 -14.21
N PHE B 175 11.49 18.55 -13.67
CA PHE B 175 11.26 17.15 -13.88
C PHE B 175 9.81 16.85 -14.32
N ASP B 176 9.70 16.12 -15.41
CA ASP B 176 8.44 15.69 -15.95
C ASP B 176 8.10 14.42 -15.22
N ILE B 177 6.93 14.39 -14.61
CA ILE B 177 6.49 13.29 -13.80
C ILE B 177 5.34 12.60 -14.48
N GLY B 178 5.43 11.31 -14.63
CA GLY B 178 4.36 10.53 -15.32
C GLY B 178 4.49 9.10 -14.87
N SER B 179 3.72 8.77 -13.82
CA SER B 179 3.85 7.49 -13.12
C SER B 179 2.61 7.01 -12.39
N ASP B 180 2.44 5.69 -12.37
CA ASP B 180 1.41 5.07 -11.61
C ASP B 180 1.86 5.09 -10.16
N PHE B 181 0.89 4.99 -9.22
CA PHE B 181 1.17 4.78 -7.76
C PHE B 181 -0.04 4.21 -7.03
N VAL B 182 0.23 3.47 -5.97
CA VAL B 182 -0.86 2.89 -5.16
C VAL B 182 -1.27 3.91 -4.06
N ARG B 183 -2.55 4.10 -3.87
CA ARG B 183 -2.94 4.93 -2.75
C ARG B 183 -3.75 4.10 -1.80
N ASN B 184 -3.27 4.05 -0.56
CA ASN B 184 -4.06 3.51 0.51
C ASN B 184 -5.01 4.66 0.92
N THR B 185 -6.27 4.55 0.53
CA THR B 185 -7.28 5.62 0.75
C THR B 185 -7.66 5.80 2.21
N ALA B 186 -7.17 4.96 3.11
CA ALA B 186 -7.17 5.38 4.53
C ALA B 186 -6.52 6.78 4.72
N LEU B 187 -5.56 7.16 3.86
CA LEU B 187 -4.98 8.49 3.97
C LEU B 187 -6.02 9.60 3.74
N ASP B 188 -7.13 9.24 3.07
CA ASP B 188 -8.24 10.15 2.81
C ASP B 188 -9.35 10.01 3.81
N GLY B 189 -9.17 9.23 4.83
CA GLY B 189 -10.16 9.16 5.91
C GLY B 189 -10.87 7.82 5.91
N TYR B 190 -11.33 7.44 7.07
CA TYR B 190 -12.05 6.24 7.25
C TYR B 190 -13.19 6.02 6.21
N SER B 191 -13.98 7.00 5.88
CA SER B 191 -15.17 6.68 5.11
C SER B 191 -14.84 6.30 3.69
N VAL B 192 -13.82 6.94 3.11
CA VAL B 192 -13.30 6.56 1.81
C VAL B 192 -12.65 5.12 1.79
N ALA B 193 -11.72 4.87 2.72
CA ALA B 193 -11.08 3.58 2.90
C ALA B 193 -12.11 2.51 2.98
N ALA B 194 -13.19 2.80 3.69
CA ALA B 194 -14.23 1.76 3.89
C ALA B 194 -14.88 1.31 2.62
N TYR B 195 -14.75 2.00 1.51
CA TYR B 195 -15.09 1.26 0.29
C TYR B 195 -14.03 1.12 -0.78
N LEU B 196 -13.05 2.03 -0.85
CA LEU B 196 -12.05 1.96 -1.88
C LEU B 196 -10.77 1.23 -1.44
N GLY B 197 -10.52 1.09 -0.16
CA GLY B 197 -9.26 0.46 0.28
C GLY B 197 -8.05 0.99 -0.51
N ASN B 198 -7.28 0.09 -1.12
CA ASN B 198 -6.09 0.50 -1.91
C ASN B 198 -6.56 0.58 -3.36
N ILE B 199 -6.19 1.61 -4.07
CA ILE B 199 -6.47 1.72 -5.43
C ILE B 199 -5.17 2.14 -6.07
N THR B 200 -5.11 2.02 -7.39
CA THR B 200 -4.03 2.48 -8.17
C THR B 200 -4.43 3.76 -8.93
N MET B 201 -3.53 4.74 -8.92
CA MET B 201 -3.79 6.03 -9.50
C MET B 201 -2.63 6.38 -10.40
N ARG B 202 -2.74 7.53 -11.07
CA ARG B 202 -1.70 8.02 -11.92
C ARG B 202 -1.58 9.53 -11.84
N THR B 203 -0.32 10.03 -11.80
CA THR B 203 -0.05 11.48 -11.77
C THR B 203 0.83 11.89 -12.92
N GLU B 204 0.50 13.03 -13.47
CA GLU B 204 1.22 13.59 -14.59
C GLU B 204 1.33 15.04 -14.33
N GLY B 205 2.56 15.52 -14.32
CA GLY B 205 2.75 16.95 -14.19
C GLY B 205 4.23 17.32 -14.15
N VAL B 206 4.49 18.49 -13.62
CA VAL B 206 5.86 18.97 -13.65
C VAL B 206 6.26 19.41 -12.28
N LEU B 207 7.40 18.93 -11.84
CA LEU B 207 7.96 19.37 -10.59
C LEU B 207 9.10 20.42 -10.83
N ASN B 208 9.06 21.59 -10.19
CA ASN B 208 10.22 22.50 -10.22
C ASN B 208 10.85 22.66 -8.86
N VAL B 209 12.12 22.27 -8.75
CA VAL B 209 12.87 22.42 -7.53
C VAL B 209 14.01 23.44 -7.73
N LYS B 210 14.08 24.42 -6.82
CA LYS B 210 15.20 25.42 -6.78
C LYS B 210 16.35 25.07 -5.85
N SER B 211 17.52 25.64 -6.14
CA SER B 211 18.75 25.45 -5.30
C SER B 211 18.60 25.79 -3.83
N ASP B 212 17.63 26.62 -3.47
CA ASP B 212 17.42 26.96 -2.07
C ASP B 212 16.38 26.08 -1.38
N GLY B 213 16.06 24.93 -1.97
CA GLY B 213 15.10 23.98 -1.37
C GLY B 213 13.65 24.21 -1.74
N THR B 214 13.37 25.32 -2.41
CA THR B 214 12.03 25.71 -2.74
C THR B 214 11.50 24.90 -3.90
N TRP B 215 10.20 24.57 -3.87
CA TRP B 215 9.61 23.74 -4.94
C TRP B 215 8.15 23.97 -5.24
N GLN B 216 7.77 23.63 -6.44
CA GLN B 216 6.37 23.63 -6.82
C GLN B 216 6.01 22.45 -7.67
N TYR B 217 4.80 21.93 -7.51
CA TYR B 217 4.36 20.92 -8.36
C TYR B 217 3.03 21.28 -8.90
N GLU B 218 2.88 21.00 -10.17
CA GLU B 218 1.59 21.20 -10.84
C GLU B 218 1.28 20.08 -11.82
N GLY B 219 0.02 19.63 -11.81
CA GLY B 219 -0.36 18.49 -12.62
C GLY B 219 -1.76 17.93 -12.32
N VAL B 220 -1.99 16.70 -12.79
CA VAL B 220 -3.28 16.05 -12.61
C VAL B 220 -3.10 14.68 -12.08
N ILE B 221 -4.14 14.22 -11.39
CA ILE B 221 -4.25 12.87 -10.93
C ILE B 221 -5.46 12.24 -11.62
N ARG B 222 -5.30 10.99 -12.02
CA ARG B 222 -6.38 10.14 -12.41
C ARG B 222 -6.38 8.81 -11.67
N SER B 223 -7.51 8.10 -11.68
CA SER B 223 -7.62 6.80 -11.01
C SER B 223 -7.94 5.67 -11.97
N TYR B 224 -7.35 4.50 -11.74
CA TYR B 224 -7.87 3.34 -12.49
C TYR B 224 -9.14 2.91 -11.78
N ASN B 225 -9.82 1.92 -12.35
CA ASN B 225 -10.97 1.37 -11.79
C ASN B 225 -10.61 0.60 -10.55
N ASP B 226 -11.52 0.54 -9.59
CA ASP B 226 -11.37 -0.28 -8.39
C ASP B 226 -12.31 -1.45 -8.61
N THR B 227 -11.93 -2.65 -8.17
CA THR B 227 -12.77 -3.83 -8.09
C THR B 227 -13.25 -4.01 -6.64
N TYR B 228 -14.55 -4.05 -6.40
CA TYR B 228 -15.00 -4.11 -5.02
C TYR B 228 -15.37 -5.55 -4.81
N ASP B 229 -14.70 -6.19 -3.86
CA ASP B 229 -15.09 -7.44 -3.21
C ASP B 229 -14.73 -7.38 -1.74
N ALA B 230 -15.67 -7.02 -0.90
CA ALA B 230 -15.47 -6.98 0.55
C ALA B 230 -15.75 -8.36 1.12
N ASN B 231 -14.72 -9.21 1.23
CA ASN B 231 -14.94 -10.63 1.59
C ASN B 231 -13.93 -11.30 2.57
N PRO B 232 -14.43 -12.21 3.43
CA PRO B 232 -13.56 -12.88 4.42
C PRO B 232 -12.46 -13.74 3.79
N VAL B 246 -26.00 -7.10 10.34
CA VAL B 246 -26.60 -8.44 10.35
C VAL B 246 -26.34 -9.20 9.05
N LEU B 247 -25.56 -8.58 8.17
CA LEU B 247 -25.40 -9.04 6.79
C LEU B 247 -23.98 -9.51 6.54
N ASN B 248 -23.22 -9.72 7.62
CA ASN B 248 -21.76 -9.98 7.53
C ASN B 248 -21.42 -11.30 6.83
N ASN B 249 -22.20 -12.36 7.11
CA ASN B 249 -22.00 -13.68 6.50
C ASN B 249 -22.37 -13.76 5.01
N LEU B 250 -23.37 -12.98 4.57
CA LEU B 250 -23.86 -13.03 3.18
C LEU B 250 -22.77 -12.83 2.15
N SER B 251 -22.78 -13.63 1.09
CA SER B 251 -21.82 -13.45 0.00
C SER B 251 -22.40 -12.60 -1.13
N GLY B 252 -21.59 -11.69 -1.63
CA GLY B 252 -21.99 -10.80 -2.69
C GLY B 252 -21.27 -11.07 -3.96
N THR B 253 -21.47 -10.19 -4.94
CA THR B 253 -20.94 -10.35 -6.28
C THR B 253 -19.99 -9.17 -6.56
N PRO B 254 -18.68 -9.43 -6.82
CA PRO B 254 -17.75 -8.33 -7.14
C PRO B 254 -18.23 -7.51 -8.30
N TYR B 255 -17.80 -6.25 -8.37
CA TYR B 255 -18.17 -5.33 -9.45
C TYR B 255 -17.15 -4.23 -9.57
N GLU B 256 -17.21 -3.50 -10.67
CA GLU B 256 -16.18 -2.49 -10.94
C GLU B 256 -16.72 -1.15 -10.51
N ILE B 257 -15.85 -0.35 -9.90
CA ILE B 257 -16.17 1.05 -9.66
C ILE B 257 -15.29 1.85 -10.53
N ARG B 258 -15.87 2.57 -11.49
CA ARG B 258 -15.13 3.47 -12.32
C ARG B 258 -14.98 4.79 -11.59
N ILE B 259 -13.82 5.45 -11.68
CA ILE B 259 -13.55 6.69 -10.95
C ILE B 259 -13.03 7.69 -11.95
N PRO B 260 -13.93 8.21 -12.79
CA PRO B 260 -13.47 8.96 -13.94
C PRO B 260 -13.08 10.38 -13.57
N GLY B 261 -12.46 11.08 -14.52
CA GLY B 261 -12.14 12.50 -14.38
C GLY B 261 -10.69 12.75 -14.00
N GLU B 262 -10.37 14.02 -13.77
CA GLU B 262 -9.01 14.48 -13.42
C GLU B 262 -9.09 15.30 -12.16
N LEU B 263 -8.16 15.05 -11.27
CA LEU B 263 -8.08 15.85 -10.09
C LEU B 263 -6.89 16.73 -10.24
N LYS B 264 -7.11 18.02 -10.18
CA LYS B 264 -6.06 18.99 -10.39
C LYS B 264 -5.31 19.11 -9.12
N ILE B 265 -3.99 19.18 -9.21
CA ILE B 265 -3.18 19.30 -8.01
C ILE B 265 -2.11 20.34 -8.25
N LYS B 266 -1.90 21.17 -7.25
CA LYS B 266 -1.08 22.35 -7.35
C LYS B 266 -0.53 22.65 -5.99
N GLU B 267 0.78 22.58 -5.79
CA GLU B 267 1.34 22.68 -4.43
C GLU B 267 2.74 23.28 -4.48
N ASN B 268 3.16 23.93 -3.42
CA ASN B 268 4.56 24.38 -3.34
C ASN B 268 5.05 24.24 -1.96
N GLY B 269 6.35 24.31 -1.81
CA GLY B 269 6.88 24.17 -0.47
C GLY B 269 8.36 24.43 -0.44
N LYS B 270 8.99 24.05 0.66
CA LYS B 270 10.41 24.31 0.88
C LYS B 270 11.06 23.16 1.62
N LYS B 271 12.12 22.63 1.08
CA LYS B 271 12.84 21.59 1.80
C LYS B 271 13.64 22.15 2.97
N LEU B 272 13.59 21.37 4.03
CA LEU B 272 14.56 21.31 5.12
C LEU B 272 15.96 21.13 4.51
N GLU B 273 16.78 22.17 4.57
CA GLU B 273 18.11 22.08 3.95
C GLU B 273 19.16 21.40 4.86
N HIS B 274 20.16 20.80 4.20
CA HIS B 274 21.46 20.40 4.79
C HIS B 274 21.96 21.36 5.89
N HIS B 275 22.34 20.83 7.05
CA HIS B 275 22.81 21.66 8.18
C HIS B 275 23.89 20.92 9.01
N HIS B 276 24.70 21.67 9.75
CA HIS B 276 25.74 21.07 10.63
C HIS B 276 25.23 20.74 12.05
N HIS B 277 24.31 19.77 12.15
CA HIS B 277 23.94 19.16 13.43
C HIS B 277 24.23 17.65 13.35
FE1 FES C . 4.99 2.54 -26.05
FE2 FES C . 6.88 0.79 -27.38
S1 FES C . 4.81 0.44 -26.65
S2 FES C . 7.16 2.76 -26.47
S SO4 D . 12.01 -4.26 -4.12
O1 SO4 D . 11.76 -2.82 -3.80
O2 SO4 D . 11.40 -4.64 -5.44
O3 SO4 D . 13.49 -4.45 -4.25
O4 SO4 D . 11.56 -5.11 -3.01
S SO4 E . 22.07 -2.88 18.53
O1 SO4 E . 22.17 -1.50 17.98
O2 SO4 E . 22.41 -3.83 17.45
O3 SO4 E . 23.02 -3.09 19.65
O4 SO4 E . 20.67 -3.08 19.02
CL CL F . -1.68 -3.66 14.42
FE1 FES G . -15.85 -12.24 32.65
FE2 FES G . -17.90 -13.63 31.18
S1 FES G . -15.87 -14.26 31.71
S2 FES G . -17.73 -11.52 31.78
S SO4 H . -13.61 15.79 -15.04
O1 SO4 H . -13.86 17.19 -15.47
O2 SO4 H . -13.74 14.87 -16.21
O3 SO4 H . -12.25 15.73 -14.45
O4 SO4 H . -14.61 15.43 -14.02
S SO4 I . -18.03 9.65 -17.28
O1 SO4 I . -17.45 10.91 -16.71
O2 SO4 I . -18.60 9.93 -18.63
O3 SO4 I . -17.01 8.58 -17.45
O4 SO4 I . -19.13 9.14 -16.38
S SO4 J . -7.61 -3.39 -0.57
O1 SO4 J . -8.81 -2.81 -1.24
O2 SO4 J . -6.62 -4.03 -1.54
O3 SO4 J . -6.93 -2.29 0.16
O4 SO4 J . -8.06 -4.38 0.46
#